data_5NKY
#
_entry.id   5NKY
#
_cell.length_a   66.191
_cell.length_b   66.191
_cell.length_c   261.698
_cell.angle_alpha   90.00
_cell.angle_beta   90.00
_cell.angle_gamma   120.00
#
_symmetry.space_group_name_H-M   'P 65 2 2'
#
loop_
_entity.id
_entity.type
_entity.pdbx_description
1 polymer 'Vitamin D3 receptor A'
2 polymer SRC1
3 non-polymer (1~{R},3~{S},5~{Z})-5-[(2~{E})-2-[(1~{R},3~{a}~{S},7~{a}~{R})-7~{a}-methyl-1-[(1~{S})-1-[(2~{R},5~{S})-5-(2-oxidanylpropan-2-yl)oxolan-2-yl]ethyl]-2,3,3~{a},5,6,7-hexahydro-1~{H}-inden-4-ylidene]ethylidene]-4-methylidene-cyclohexane-1,3-diol
4 water water
#
loop_
_entity_poly.entity_id
_entity_poly.type
_entity_poly.pdbx_seq_one_letter_code
_entity_poly.pdbx_strand_id
1 'polypeptide(L)'
;GSHMLSDEQMQIINSLVEAHHKTYDDSYSDFVRFRPPVREGPVTRSASRAASLHSLSDASSDSFNHSPESVDTKLNFSNL
LMMYQDSGSPDSSEEDQQSRLSMLPHLADLVSYSIQKVIGFAKMIPGFRDLTAEDQIALLKSSAIEIIMLRSNQSFSLED
MSWSCGGPDFKYCINDVTKAGHTLELLEPLVKFQVGLKKLKLHEEEHVLLMAICLLSPDRPGVQDHVRIEALQDRLCDVL
QAYIRIQHPGGRLLYAKMIQKLADLRSLNEEHSKQYRSLSFQPEHSMQLTPLVLEVFGSEVS
;
A
2 'polypeptide(L)' RHKILHRLLQEGSPS B
#
loop_
_chem_comp.id
_chem_comp.type
_chem_comp.name
_chem_comp.formula
91W non-polymer (1~{R},3~{S},5~{Z})-5-[(2~{E})-2-[(1~{R},3~{a}~{S},7~{a}~{R})-7~{a}-methyl-1-[(1~{S})-1-[(2~{R},5~{S})-5-(2-oxidanylpropan-2-yl)oxolan-2-yl]ethyl]-2,3,3~{a},5,6,7-hexahydro-1~{H}-inden-4-ylidene]ethylidene]-4-methylidene-cyclohexane-1,3-diol 'C28 H44 O4'
#
# COMPACT_ATOMS: atom_id res chain seq x y z
N MET A 4 4.99 -26.14 14.46
CA MET A 4 4.45 -24.91 15.02
C MET A 4 5.40 -23.71 14.88
N LEU A 5 4.93 -22.51 15.26
CA LEU A 5 5.69 -21.26 15.12
C LEU A 5 6.60 -20.94 16.31
N SER A 6 7.61 -20.12 16.07
CA SER A 6 8.55 -19.75 17.12
C SER A 6 8.23 -18.39 17.72
N ASP A 7 8.86 -18.08 18.85
CA ASP A 7 8.56 -16.84 19.56
C ASP A 7 9.12 -15.62 18.86
N GLU A 8 10.12 -15.83 18.03
CA GLU A 8 10.63 -14.74 17.21
C GLU A 8 9.61 -14.44 16.12
N GLN A 9 9.17 -15.49 15.42
CA GLN A 9 8.16 -15.35 14.38
C GLN A 9 6.88 -14.76 14.93
N MET A 10 6.53 -15.22 16.13
CA MET A 10 5.34 -14.77 16.79
C MET A 10 5.49 -13.29 17.18
N GLN A 11 6.66 -12.91 17.68
CA GLN A 11 6.90 -11.52 18.06
C GLN A 11 6.84 -10.60 16.85
N ILE A 12 7.31 -11.10 15.72
CA ILE A 12 7.24 -10.39 14.45
C ILE A 12 5.79 -10.17 14.06
N ILE A 13 4.99 -11.22 14.17
CA ILE A 13 3.58 -11.09 13.85
C ILE A 13 2.93 -10.05 14.76
N ASN A 14 3.21 -10.14 16.05
CA ASN A 14 2.62 -9.23 17.02
C ASN A 14 3.00 -7.79 16.72
N SER A 15 4.26 -7.60 16.33
CA SER A 15 4.76 -6.28 15.99
C SER A 15 4.05 -5.73 14.78
N LEU A 16 3.95 -6.53 13.72
CA LEU A 16 3.32 -6.07 12.48
C LEU A 16 1.85 -5.76 12.70
N VAL A 17 1.16 -6.58 13.49
CA VAL A 17 -0.24 -6.33 13.76
C VAL A 17 -0.38 -5.02 14.54
N GLU A 18 0.41 -4.84 15.59
CA GLU A 18 0.32 -3.63 16.39
C GLU A 18 0.60 -2.39 15.52
N ALA A 19 1.58 -2.51 14.63
CA ALA A 19 1.95 -1.45 13.69
C ALA A 19 0.79 -1.05 12.80
N HIS A 20 0.16 -2.05 12.20
CA HIS A 20 -0.99 -1.81 11.35
C HIS A 20 -2.15 -1.20 12.12
N HIS A 21 -2.39 -1.68 13.35
CA HIS A 21 -3.45 -1.10 14.14
C HIS A 21 -3.17 0.36 14.45
N LYS A 22 -1.90 0.70 14.65
CA LYS A 22 -1.52 2.07 14.96
C LYS A 22 -1.64 2.98 13.75
N THR A 23 -1.56 2.41 12.55
CA THR A 23 -1.59 3.25 11.36
C THR A 23 -2.81 3.07 10.46
N TYR A 24 -3.79 2.28 10.89
CA TYR A 24 -5.03 2.20 10.13
C TYR A 24 -6.20 2.49 11.05
N ASP A 25 -6.89 3.58 10.74
CA ASP A 25 -8.01 4.08 11.51
C ASP A 25 -9.32 3.56 10.93
N ASP A 26 -9.97 2.60 11.60
CA ASP A 26 -11.18 2.00 11.06
C ASP A 26 -12.39 2.94 11.12
N SER A 27 -12.26 4.05 11.84
CA SER A 27 -13.35 5.02 11.90
C SER A 27 -13.37 5.92 10.66
N TYR A 28 -12.22 6.05 10.01
CA TYR A 28 -12.08 6.92 8.83
C TYR A 28 -12.48 8.34 9.17
N SER A 29 -12.28 8.72 10.43
CA SER A 29 -12.79 9.98 10.94
C SER A 29 -11.93 11.15 10.47
N ASP A 30 -10.70 10.86 10.07
CA ASP A 30 -9.79 11.87 9.52
C ASP A 30 -10.20 12.34 8.12
N PHE A 31 -11.05 11.58 7.44
CA PHE A 31 -11.36 11.86 6.04
C PHE A 31 -12.02 13.24 5.84
N VAL A 32 -12.67 13.75 6.89
CA VAL A 32 -13.38 15.02 6.79
C VAL A 32 -12.38 16.16 6.61
N ARG A 33 -11.13 15.88 6.94
CA ARG A 33 -10.11 16.91 6.86
C ARG A 33 -9.60 17.08 5.44
N PHE A 34 -9.96 16.14 4.56
CA PHE A 34 -9.53 16.22 3.16
C PHE A 34 -10.31 17.28 2.41
N ARG A 35 -9.73 17.79 1.33
CA ARG A 35 -10.52 18.54 0.37
C ARG A 35 -11.67 17.63 -0.03
N PRO A 36 -12.90 18.14 0.05
CA PRO A 36 -14.10 17.33 -0.13
C PRO A 36 -14.23 16.72 -1.53
N PRO A 37 -14.94 15.60 -1.65
CA PRO A 37 -15.17 14.95 -2.95
C PRO A 37 -16.08 15.80 -3.81
N VAL A 38 -15.97 15.69 -5.12
CA VAL A 38 -16.91 16.34 -6.01
C VAL A 38 -17.24 15.43 -7.18
N ARG A 39 -18.53 15.26 -7.45
CA ARG A 39 -18.97 14.44 -8.57
C ARG A 39 -19.94 15.17 -9.50
N ARG A 100 -13.12 19.91 -14.47
CA ARG A 100 -12.66 18.59 -14.91
C ARG A 100 -11.78 17.96 -13.83
N LEU A 101 -11.83 16.63 -13.72
CA LEU A 101 -11.13 15.89 -12.66
C LEU A 101 -11.54 16.36 -11.28
N SER A 102 -12.84 16.36 -11.02
CA SER A 102 -13.40 16.87 -9.78
C SER A 102 -12.97 16.09 -8.54
N MET A 103 -12.66 14.80 -8.70
CA MET A 103 -12.33 13.97 -7.54
C MET A 103 -10.85 14.02 -7.18
N LEU A 104 -10.05 14.67 -8.02
CA LEU A 104 -8.61 14.67 -7.82
C LEU A 104 -8.14 15.33 -6.52
N PRO A 105 -8.73 16.46 -6.11
CA PRO A 105 -8.26 17.02 -4.84
C PRO A 105 -8.50 16.10 -3.65
N HIS A 106 -9.71 15.56 -3.57
CA HIS A 106 -10.03 14.62 -2.51
C HIS A 106 -9.13 13.38 -2.54
N LEU A 107 -8.97 12.76 -3.70
CA LEU A 107 -8.20 11.50 -3.75
C LEU A 107 -6.72 11.77 -3.55
N ALA A 108 -6.28 12.98 -3.88
CA ALA A 108 -4.90 13.38 -3.63
C ALA A 108 -4.66 13.48 -2.15
N ASP A 109 -5.59 14.12 -1.44
CA ASP A 109 -5.46 14.20 0.01
C ASP A 109 -5.52 12.80 0.65
N LEU A 110 -6.52 12.01 0.29
CA LEU A 110 -6.60 10.60 0.71
C LEU A 110 -5.25 9.87 0.53
N VAL A 111 -4.69 9.92 -0.68
CA VAL A 111 -3.45 9.19 -0.92
C VAL A 111 -2.29 9.75 -0.09
N SER A 112 -2.21 11.07 0.07
CA SER A 112 -1.15 11.70 0.87
C SER A 112 -1.18 11.23 2.34
N TYR A 113 -2.37 11.32 2.91
CA TYR A 113 -2.67 10.80 4.23
C TYR A 113 -2.19 9.33 4.35
N SER A 114 -2.54 8.54 3.33
CA SER A 114 -2.21 7.12 3.30
C SER A 114 -0.71 6.88 3.21
N ILE A 115 0.01 7.75 2.50
CA ILE A 115 1.45 7.60 2.38
C ILE A 115 2.04 7.81 3.77
N GLN A 116 1.58 8.85 4.45
CA GLN A 116 2.03 9.07 5.82
C GLN A 116 1.82 7.81 6.66
N LYS A 117 0.66 7.19 6.50
CA LYS A 117 0.38 5.94 7.21
C LYS A 117 1.36 4.79 6.88
N VAL A 118 1.60 4.55 5.58
CA VAL A 118 2.54 3.53 5.13
C VAL A 118 3.93 3.76 5.70
N ILE A 119 4.35 5.01 5.78
CA ILE A 119 5.66 5.35 6.33
C ILE A 119 5.70 4.98 7.81
N GLY A 120 4.64 5.39 8.53
CA GLY A 120 4.52 5.03 9.93
C GLY A 120 4.56 3.52 10.14
N PHE A 121 4.00 2.76 9.21
CA PHE A 121 3.94 1.32 9.34
C PHE A 121 5.32 0.73 9.09
N ALA A 122 5.96 1.16 8.01
CA ALA A 122 7.31 0.70 7.67
C ALA A 122 8.30 0.96 8.80
N LYS A 123 8.19 2.10 9.46
CA LYS A 123 9.13 2.42 10.55
C LYS A 123 9.03 1.41 11.70
N MET A 124 7.95 0.66 11.75
CA MET A 124 7.76 -0.32 12.80
C MET A 124 7.98 -1.78 12.34
N ILE A 125 8.22 -1.97 11.05
CA ILE A 125 8.65 -3.27 10.57
C ILE A 125 9.99 -3.60 11.18
N PRO A 126 10.11 -4.80 11.78
CA PRO A 126 11.38 -5.24 12.36
C PRO A 126 12.53 -5.22 11.34
N GLY A 127 13.48 -4.31 11.55
CA GLY A 127 14.66 -4.24 10.70
C GLY A 127 14.69 -3.10 9.71
N PHE A 128 13.52 -2.59 9.36
CA PHE A 128 13.40 -1.52 8.37
C PHE A 128 14.16 -0.29 8.82
N ARG A 129 13.93 0.15 10.05
CA ARG A 129 14.55 1.40 10.48
C ARG A 129 16.00 1.16 10.91
N ASP A 130 16.54 0.03 10.50
CA ASP A 130 17.96 -0.26 10.64
C ASP A 130 18.63 -0.17 9.27
N LEU A 131 17.82 -0.24 8.22
CA LEU A 131 18.29 0.04 6.87
C LEU A 131 18.76 1.49 6.78
N THR A 132 19.50 1.80 5.73
CA THR A 132 19.94 3.17 5.49
C THR A 132 18.78 4.02 5.00
N ALA A 133 18.87 5.33 5.26
CA ALA A 133 17.84 6.27 4.84
C ALA A 133 17.62 6.17 3.35
N GLU A 134 18.69 5.88 2.62
CA GLU A 134 18.60 5.75 1.18
C GLU A 134 17.75 4.55 0.84
N ASP A 135 18.04 3.42 1.48
CA ASP A 135 17.29 2.20 1.20
C ASP A 135 15.83 2.35 1.63
N GLN A 136 15.60 3.00 2.77
CA GLN A 136 14.24 3.22 3.25
C GLN A 136 13.45 4.06 2.25
N ILE A 137 14.06 5.13 1.78
CA ILE A 137 13.43 5.97 0.79
C ILE A 137 13.16 5.18 -0.50
N ALA A 138 14.15 4.47 -1.01
CA ALA A 138 13.98 3.68 -2.25
C ALA A 138 12.86 2.64 -2.16
N LEU A 139 12.82 1.93 -1.03
CA LEU A 139 11.81 0.92 -0.80
C LEU A 139 10.44 1.57 -0.75
N LEU A 140 10.34 2.72 -0.07
CA LEU A 140 9.07 3.42 0.03
C LEU A 140 8.59 4.01 -1.29
N LYS A 141 9.49 4.57 -2.08
CA LYS A 141 9.11 5.23 -3.32
C LYS A 141 8.69 4.21 -4.34
N SER A 142 9.33 3.05 -4.29
CA SER A 142 8.96 1.97 -5.19
C SER A 142 7.67 1.29 -4.75
N SER A 143 7.47 1.13 -3.44
CA SER A 143 6.37 0.26 -2.99
C SER A 143 5.11 0.95 -2.48
N ALA A 144 5.16 2.27 -2.28
CA ALA A 144 4.06 2.95 -1.58
C ALA A 144 2.72 2.74 -2.26
N ILE A 145 2.69 2.86 -3.58
CA ILE A 145 1.45 2.73 -4.32
C ILE A 145 0.88 1.31 -4.15
N GLU A 146 1.77 0.32 -4.11
CA GLU A 146 1.37 -1.07 -3.92
C GLU A 146 0.80 -1.32 -2.52
N ILE A 147 1.43 -0.71 -1.51
CA ILE A 147 0.95 -0.88 -0.14
C ILE A 147 -0.37 -0.19 0.07
N ILE A 148 -0.58 0.92 -0.63
CA ILE A 148 -1.85 1.64 -0.55
C ILE A 148 -2.94 0.76 -1.16
N MET A 149 -2.66 0.23 -2.36
CA MET A 149 -3.59 -0.71 -3.03
C MET A 149 -3.92 -1.91 -2.14
N LEU A 150 -2.91 -2.49 -1.49
CA LEU A 150 -3.11 -3.60 -0.57
C LEU A 150 -3.94 -3.21 0.66
N ARG A 151 -3.56 -2.11 1.31
CA ARG A 151 -4.15 -1.76 2.61
C ARG A 151 -5.59 -1.31 2.40
N SER A 152 -5.89 -0.82 1.21
CA SER A 152 -7.22 -0.33 0.85
C SER A 152 -8.26 -1.46 0.74
N ASN A 153 -7.79 -2.71 0.69
CA ASN A 153 -8.71 -3.83 0.61
C ASN A 153 -9.60 -3.89 1.85
N GLN A 154 -9.09 -3.37 2.96
CA GLN A 154 -9.80 -3.38 4.23
C GLN A 154 -11.08 -2.55 4.20
N SER A 155 -11.14 -1.55 3.32
CA SER A 155 -12.35 -0.74 3.17
C SER A 155 -13.18 -1.17 1.96
N PHE A 156 -12.68 -2.14 1.20
CA PHE A 156 -13.32 -2.54 -0.04
C PHE A 156 -14.48 -3.48 0.24
N SER A 157 -15.48 -3.48 -0.64
CA SER A 157 -16.66 -4.31 -0.45
C SER A 157 -17.07 -5.04 -1.72
N LEU A 158 -17.18 -6.36 -1.65
CA LEU A 158 -17.58 -7.16 -2.81
C LEU A 158 -18.99 -6.83 -3.23
N GLU A 159 -19.80 -6.40 -2.26
CA GLU A 159 -21.19 -6.07 -2.49
C GLU A 159 -21.32 -4.91 -3.47
N ASP A 160 -20.71 -3.79 -3.12
CA ASP A 160 -20.76 -2.59 -3.94
C ASP A 160 -19.63 -2.50 -4.95
N MET A 161 -18.70 -3.46 -4.90
CA MET A 161 -17.54 -3.44 -5.78
C MET A 161 -16.80 -2.12 -5.67
N SER A 162 -16.65 -1.61 -4.46
CA SER A 162 -15.95 -0.36 -4.25
C SER A 162 -15.62 -0.11 -2.78
N TRP A 163 -14.86 0.96 -2.53
CA TRP A 163 -14.32 1.23 -1.20
C TRP A 163 -15.24 2.10 -0.35
N SER A 164 -15.63 1.62 0.82
CA SER A 164 -16.56 2.38 1.68
C SER A 164 -15.93 2.83 2.99
N CYS A 165 -15.66 4.12 3.11
CA CYS A 165 -14.96 4.58 4.31
C CYS A 165 -15.83 5.44 5.22
N GLY A 166 -16.96 4.88 5.66
CA GLY A 166 -17.89 5.62 6.48
C GLY A 166 -19.17 5.96 5.73
N GLY A 167 -19.42 7.25 5.54
CA GLY A 167 -20.61 7.69 4.82
C GLY A 167 -20.48 7.49 3.32
N PRO A 168 -21.56 7.76 2.58
CA PRO A 168 -21.55 7.65 1.10
C PRO A 168 -20.72 8.77 0.43
N ASP A 169 -20.37 9.80 1.19
CA ASP A 169 -19.45 10.84 0.74
C ASP A 169 -18.08 10.25 0.48
N PHE A 170 -17.67 9.36 1.37
CA PHE A 170 -16.38 8.69 1.29
C PHE A 170 -16.56 7.24 0.83
N LYS A 171 -17.38 7.10 -0.21
CA LYS A 171 -17.62 5.83 -0.89
C LYS A 171 -17.17 5.94 -2.36
N TYR A 172 -16.08 5.29 -2.71
CA TYR A 172 -15.47 5.51 -4.03
C TYR A 172 -15.68 4.35 -4.99
N CYS A 173 -16.42 4.58 -6.08
CA CYS A 173 -16.52 3.57 -7.12
C CYS A 173 -15.59 3.93 -8.27
N ILE A 174 -15.64 3.13 -9.34
CA ILE A 174 -14.72 3.28 -10.46
C ILE A 174 -14.80 4.66 -11.05
N ASN A 175 -16.02 5.18 -11.16
CA ASN A 175 -16.27 6.47 -11.79
C ASN A 175 -15.61 7.61 -11.05
N ASP A 176 -15.66 7.55 -9.72
CA ASP A 176 -14.99 8.55 -8.90
C ASP A 176 -13.51 8.63 -9.26
N VAL A 177 -12.87 7.47 -9.42
CA VAL A 177 -11.44 7.44 -9.67
C VAL A 177 -11.16 7.82 -11.11
N THR A 178 -12.15 7.61 -11.96
CA THR A 178 -12.09 8.14 -13.31
C THR A 178 -12.02 9.68 -13.25
N LYS A 179 -12.77 10.27 -12.33
CA LYS A 179 -12.74 11.73 -12.14
C LYS A 179 -11.49 12.24 -11.40
N ALA A 180 -10.42 11.44 -11.38
CA ALA A 180 -9.15 11.91 -10.87
C ALA A 180 -8.05 11.61 -11.87
N GLY A 181 -8.44 11.26 -13.09
CA GLY A 181 -7.50 11.16 -14.18
C GLY A 181 -7.15 9.78 -14.69
N HIS A 182 -7.67 8.74 -14.04
CA HIS A 182 -7.30 7.39 -14.42
C HIS A 182 -8.31 6.72 -15.33
N THR A 183 -7.84 5.72 -16.08
CA THR A 183 -8.64 4.98 -17.04
C THR A 183 -8.87 3.52 -16.63
N LEU A 184 -9.84 2.90 -17.30
CA LEU A 184 -10.21 1.52 -17.03
C LEU A 184 -9.05 0.55 -17.19
N GLU A 185 -8.05 0.94 -17.99
CA GLU A 185 -6.85 0.13 -18.15
C GLU A 185 -6.15 -0.08 -16.81
N LEU A 186 -6.32 0.88 -15.89
CA LEU A 186 -5.83 0.71 -14.53
C LEU A 186 -6.97 0.28 -13.60
N LEU A 187 -8.12 0.92 -13.73
CA LEU A 187 -9.17 0.77 -12.74
C LEU A 187 -9.83 -0.61 -12.77
N GLU A 188 -10.03 -1.18 -13.95
CA GLU A 188 -10.60 -2.53 -14.05
C GLU A 188 -9.66 -3.60 -13.44
N PRO A 189 -8.37 -3.64 -13.87
CA PRO A 189 -7.47 -4.54 -13.15
C PRO A 189 -7.39 -4.27 -11.65
N LEU A 190 -7.40 -3.00 -11.25
CA LEU A 190 -7.34 -2.69 -9.83
C LEU A 190 -8.54 -3.26 -9.09
N VAL A 191 -9.74 -3.09 -9.66
CA VAL A 191 -10.95 -3.60 -9.02
C VAL A 191 -10.94 -5.13 -8.95
N LYS A 192 -10.50 -5.77 -10.03
CA LYS A 192 -10.45 -7.25 -10.06
C LYS A 192 -9.43 -7.78 -9.06
N PHE A 193 -8.37 -7.00 -8.87
CA PHE A 193 -7.36 -7.35 -7.88
C PHE A 193 -7.98 -7.25 -6.49
N GLN A 194 -8.72 -6.18 -6.26
CA GLN A 194 -9.36 -5.98 -4.97
C GLN A 194 -10.30 -7.15 -4.68
N VAL A 195 -11.15 -7.47 -5.64
CA VAL A 195 -12.09 -8.57 -5.46
C VAL A 195 -11.39 -9.92 -5.23
N GLY A 196 -10.42 -10.26 -6.08
CA GLY A 196 -9.67 -11.48 -5.90
C GLY A 196 -9.01 -11.58 -4.53
N LEU A 197 -8.47 -10.46 -4.07
CA LEU A 197 -7.79 -10.39 -2.78
C LEU A 197 -8.78 -10.51 -1.61
N LYS A 198 -9.95 -9.93 -1.79
CA LYS A 198 -10.97 -9.96 -0.76
C LYS A 198 -11.50 -11.38 -0.61
N LYS A 199 -11.56 -12.10 -1.73
CA LYS A 199 -12.08 -13.47 -1.70
C LYS A 199 -11.08 -14.44 -1.06
N LEU A 200 -9.83 -14.02 -0.94
CA LEU A 200 -8.83 -14.84 -0.24
C LEU A 200 -9.13 -14.90 1.26
N LYS A 201 -9.91 -13.94 1.75
CA LYS A 201 -10.26 -13.84 3.17
C LYS A 201 -9.06 -14.07 4.08
N LEU A 202 -8.02 -13.26 3.88
CA LEU A 202 -6.81 -13.31 4.69
C LEU A 202 -7.09 -13.02 6.16
N HIS A 203 -6.33 -13.65 7.05
CA HIS A 203 -6.36 -13.25 8.43
C HIS A 203 -5.61 -11.93 8.55
N GLU A 204 -5.92 -11.17 9.60
CA GLU A 204 -5.20 -9.94 9.93
C GLU A 204 -3.69 -10.16 9.79
N GLU A 205 -3.22 -11.26 10.38
CA GLU A 205 -1.80 -11.60 10.43
C GLU A 205 -1.21 -11.77 9.04
N GLU A 206 -2.02 -12.34 8.15
CA GLU A 206 -1.57 -12.59 6.80
C GLU A 206 -1.53 -11.30 5.98
N HIS A 207 -2.60 -10.52 6.06
CA HIS A 207 -2.66 -9.17 5.47
C HIS A 207 -1.41 -8.34 5.82
N VAL A 208 -1.12 -8.23 7.12
CA VAL A 208 -0.01 -7.37 7.53
C VAL A 208 1.32 -7.97 7.10
N LEU A 209 1.43 -9.31 7.12
CA LEU A 209 2.67 -9.93 6.69
C LEU A 209 2.91 -9.64 5.20
N LEU A 210 1.84 -9.71 4.41
CA LEU A 210 1.92 -9.45 2.98
C LEU A 210 2.32 -8.00 2.70
N MET A 211 1.87 -7.05 3.51
CA MET A 211 2.27 -5.67 3.32
C MET A 211 3.74 -5.51 3.63
N ALA A 212 4.17 -6.09 4.71
CA ALA A 212 5.56 -6.00 5.10
C ALA A 212 6.44 -6.65 4.05
N ILE A 213 5.99 -7.78 3.52
CA ILE A 213 6.74 -8.46 2.50
C ILE A 213 6.83 -7.64 1.25
N CYS A 214 5.74 -7.01 0.87
CA CYS A 214 5.72 -6.20 -0.34
C CYS A 214 6.67 -5.07 -0.21
N LEU A 215 6.70 -4.48 0.96
CA LEU A 215 7.55 -3.36 1.26
C LEU A 215 9.00 -3.72 1.18
N LEU A 216 9.33 -4.91 1.60
CA LEU A 216 10.71 -5.32 1.64
C LEU A 216 11.29 -6.03 0.44
N SER A 217 10.67 -5.94 -0.73
CA SER A 217 11.22 -6.58 -1.90
C SER A 217 12.49 -5.84 -2.22
N PRO A 218 13.60 -6.56 -2.39
CA PRO A 218 14.91 -5.96 -2.66
C PRO A 218 15.13 -5.67 -4.14
N ASP A 219 14.26 -6.20 -5.00
CA ASP A 219 14.32 -5.97 -6.43
C ASP A 219 13.51 -4.75 -6.79
N ARG A 220 13.76 -3.68 -6.07
CA ARG A 220 13.25 -2.38 -6.44
C ARG A 220 14.44 -1.62 -6.98
N PRO A 221 14.20 -0.68 -7.91
CA PRO A 221 15.29 0.21 -8.35
C PRO A 221 15.75 1.13 -7.22
N GLY A 222 17.05 1.40 -7.16
CA GLY A 222 17.60 2.30 -6.15
C GLY A 222 18.11 1.61 -4.91
N VAL A 223 17.79 0.33 -4.77
CA VAL A 223 18.13 -0.41 -3.57
C VAL A 223 19.61 -0.79 -3.55
N GLN A 224 20.29 -0.46 -2.45
CA GLN A 224 21.71 -0.78 -2.29
C GLN A 224 21.91 -2.16 -1.65
N ASP A 225 21.52 -2.29 -0.39
CA ASP A 225 21.77 -3.52 0.38
C ASP A 225 20.78 -4.64 0.02
N HIS A 226 20.95 -5.22 -1.17
CA HIS A 226 20.09 -6.30 -1.64
C HIS A 226 20.05 -7.45 -0.64
N VAL A 227 21.21 -7.86 -0.15
CA VAL A 227 21.31 -9.07 0.67
C VAL A 227 20.55 -8.93 1.99
N ARG A 228 20.73 -7.81 2.69
CA ARG A 228 20.06 -7.61 3.97
C ARG A 228 18.55 -7.51 3.81
N ILE A 229 18.14 -6.72 2.82
CA ILE A 229 16.73 -6.51 2.56
C ILE A 229 16.09 -7.86 2.23
N GLU A 230 16.78 -8.64 1.41
CA GLU A 230 16.30 -9.96 1.03
C GLU A 230 16.27 -10.91 2.25
N ALA A 231 17.17 -10.68 3.19
CA ALA A 231 17.19 -11.47 4.42
C ALA A 231 15.93 -11.19 5.24
N LEU A 232 15.63 -9.91 5.45
CA LEU A 232 14.44 -9.49 6.19
C LEU A 232 13.20 -10.04 5.52
N GLN A 233 13.16 -9.87 4.21
CA GLN A 233 12.01 -10.34 3.43
C GLN A 233 11.84 -11.85 3.58
N ASP A 234 12.95 -12.58 3.55
CA ASP A 234 12.89 -14.04 3.66
C ASP A 234 12.36 -14.48 5.03
N ARG A 235 12.86 -13.83 6.08
CA ARG A 235 12.40 -14.12 7.43
C ARG A 235 10.88 -13.94 7.49
N LEU A 236 10.42 -12.80 6.96
CA LEU A 236 8.96 -12.56 6.88
C LEU A 236 8.21 -13.66 6.11
N CYS A 237 8.74 -14.07 4.96
CA CYS A 237 8.11 -15.12 4.16
C CYS A 237 8.02 -16.46 4.87
N ASP A 238 9.02 -16.76 5.69
CA ASP A 238 9.01 -17.99 6.48
C ASP A 238 7.94 -17.86 7.54
N VAL A 239 7.89 -16.68 8.17
CA VAL A 239 6.86 -16.40 9.16
C VAL A 239 5.49 -16.63 8.54
N LEU A 240 5.29 -16.14 7.33
CA LEU A 240 4.00 -16.24 6.67
C LEU A 240 3.65 -17.69 6.32
N GLN A 241 4.57 -18.36 5.66
CA GLN A 241 4.35 -19.74 5.23
C GLN A 241 4.01 -20.64 6.43
N ALA A 242 4.82 -20.55 7.48
CA ALA A 242 4.53 -21.24 8.74
C ALA A 242 3.16 -20.88 9.31
N TYR A 243 2.86 -19.58 9.40
CA TYR A 243 1.55 -19.15 9.90
C TYR A 243 0.42 -19.82 9.15
N ILE A 244 0.52 -19.89 7.82
CA ILE A 244 -0.56 -20.44 7.02
C ILE A 244 -0.65 -21.95 7.27
N ARG A 245 0.52 -22.60 7.35
CA ARG A 245 0.63 -24.04 7.64
C ARG A 245 -0.14 -24.38 8.92
N ILE A 246 0.29 -23.77 10.02
CA ILE A 246 -0.20 -24.10 11.35
C ILE A 246 -1.56 -23.50 11.72
N GLN A 247 -1.84 -22.29 11.22
CA GLN A 247 -2.96 -21.50 11.72
C GLN A 247 -4.12 -21.30 10.74
N HIS A 248 -3.90 -21.61 9.47
CA HIS A 248 -4.95 -21.35 8.49
C HIS A 248 -5.51 -22.66 7.89
N PRO A 249 -6.63 -23.15 8.44
CA PRO A 249 -7.29 -24.36 7.92
C PRO A 249 -7.67 -24.26 6.44
N GLY A 250 -7.30 -25.25 5.65
CA GLY A 250 -7.59 -25.23 4.23
C GLY A 250 -6.82 -24.15 3.48
N GLY A 251 -5.69 -23.74 4.04
CA GLY A 251 -4.87 -22.69 3.45
C GLY A 251 -3.73 -23.27 2.65
N ARG A 252 -3.88 -24.54 2.29
CA ARG A 252 -2.87 -25.29 1.56
C ARG A 252 -2.34 -24.55 0.35
N LEU A 253 -3.25 -23.94 -0.41
CA LEU A 253 -2.89 -23.26 -1.64
C LEU A 253 -2.68 -21.74 -1.44
N LEU A 254 -2.79 -21.26 -0.21
CA LEU A 254 -2.89 -19.82 0.04
C LEU A 254 -1.62 -19.02 -0.27
N TYR A 255 -0.48 -19.49 0.23
CA TYR A 255 0.78 -18.77 0.11
C TYR A 255 1.11 -18.42 -1.35
N ALA A 256 0.95 -19.40 -2.23
CA ALA A 256 1.22 -19.19 -3.65
C ALA A 256 0.27 -18.17 -4.29
N LYS A 257 -0.96 -18.12 -3.77
CA LYS A 257 -1.97 -17.20 -4.27
C LYS A 257 -1.57 -15.78 -3.87
N MET A 258 -1.14 -15.64 -2.63
CA MET A 258 -0.70 -14.37 -2.09
C MET A 258 0.50 -13.85 -2.86
N ILE A 259 1.42 -14.76 -3.18
CA ILE A 259 2.58 -14.41 -3.98
C ILE A 259 2.14 -13.93 -5.37
N GLN A 260 1.17 -14.64 -5.93
CA GLN A 260 0.56 -14.17 -7.18
C GLN A 260 0.05 -12.73 -7.06
N LYS A 261 -0.59 -12.43 -5.93
CA LYS A 261 -1.12 -11.09 -5.71
C LYS A 261 0.02 -10.06 -5.69
N LEU A 262 1.16 -10.39 -5.08
CA LEU A 262 2.32 -9.50 -5.20
C LEU A 262 2.70 -9.21 -6.66
N ALA A 263 2.70 -10.25 -7.49
CA ALA A 263 2.99 -10.03 -8.92
C ALA A 263 1.98 -9.06 -9.59
N ASP A 264 0.72 -9.27 -9.25
CA ASP A 264 -0.36 -8.44 -9.76
C ASP A 264 -0.08 -6.99 -9.39
N LEU A 265 0.29 -6.79 -8.13
CA LEU A 265 0.66 -5.48 -7.63
C LEU A 265 1.75 -4.87 -8.48
N ARG A 266 2.75 -5.65 -8.88
CA ARG A 266 3.76 -5.11 -9.80
C ARG A 266 3.13 -4.59 -11.09
N SER A 267 2.18 -5.32 -11.66
CA SER A 267 1.56 -4.84 -12.90
C SER A 267 0.76 -3.56 -12.69
N LEU A 268 -0.01 -3.53 -11.60
CA LEU A 268 -0.81 -2.38 -11.22
C LEU A 268 0.08 -1.17 -11.02
N ASN A 269 1.21 -1.38 -10.36
CA ASN A 269 2.20 -0.34 -10.12
C ASN A 269 2.66 0.24 -11.44
N GLU A 270 3.01 -0.66 -12.36
CA GLU A 270 3.44 -0.26 -13.70
C GLU A 270 2.43 0.67 -14.39
N GLU A 271 1.20 0.19 -14.49
CA GLU A 271 0.14 0.95 -15.14
C GLU A 271 -0.10 2.30 -14.45
N HIS A 272 -0.26 2.27 -13.13
CA HIS A 272 -0.46 3.49 -12.37
C HIS A 272 0.68 4.49 -12.59
N SER A 273 1.90 4.01 -12.66
CA SER A 273 3.05 4.90 -12.82
C SER A 273 3.00 5.58 -14.18
N LYS A 274 2.58 4.85 -15.20
CA LYS A 274 2.38 5.51 -16.49
C LYS A 274 1.31 6.59 -16.43
N GLN A 275 0.15 6.26 -15.88
CA GLN A 275 -0.96 7.21 -15.86
C GLN A 275 -0.64 8.43 -14.98
N TYR A 276 0.11 8.16 -13.91
CA TYR A 276 0.53 9.21 -13.01
C TYR A 276 1.54 10.11 -13.73
N ARG A 277 2.44 9.50 -14.49
CA ARG A 277 3.41 10.28 -15.26
C ARG A 277 2.64 11.22 -16.17
N SER A 278 1.60 10.70 -16.79
CA SER A 278 0.74 11.51 -17.66
C SER A 278 0.14 12.69 -16.92
N LEU A 279 -0.49 12.40 -15.78
CA LEU A 279 -1.17 13.39 -14.97
C LEU A 279 -0.23 14.47 -14.48
N SER A 280 0.82 14.04 -13.78
CA SER A 280 1.77 14.95 -13.14
C SER A 280 2.61 15.75 -14.13
N PHE A 281 2.55 15.41 -15.41
CA PHE A 281 3.25 16.21 -16.42
C PHE A 281 2.48 17.47 -16.79
N GLN A 282 1.18 17.49 -16.46
CA GLN A 282 0.34 18.66 -16.71
C GLN A 282 0.24 19.50 -15.44
N PRO A 283 0.80 20.72 -15.46
CA PRO A 283 0.86 21.56 -14.26
C PRO A 283 -0.52 21.86 -13.67
N GLU A 284 -1.54 21.95 -14.52
CA GLU A 284 -2.85 22.34 -14.01
C GLU A 284 -3.45 21.21 -13.17
N HIS A 285 -2.98 19.99 -13.37
CA HIS A 285 -3.39 18.88 -12.54
C HIS A 285 -2.42 18.61 -11.40
N SER A 286 -1.13 18.67 -11.68
CA SER A 286 -0.15 18.40 -10.63
C SER A 286 -0.26 19.42 -9.50
N MET A 287 -0.76 20.62 -9.80
CA MET A 287 -0.89 21.63 -8.76
C MET A 287 -1.92 21.20 -7.72
N GLN A 288 -2.81 20.30 -8.12
CA GLN A 288 -3.80 19.75 -7.19
C GLN A 288 -3.24 18.63 -6.30
N LEU A 289 -2.04 18.17 -6.62
CA LEU A 289 -1.43 17.11 -5.83
C LEU A 289 -0.86 17.71 -4.56
N THR A 290 -0.40 16.88 -3.63
CA THR A 290 0.23 17.41 -2.42
C THR A 290 1.74 17.28 -2.53
N PRO A 291 2.48 18.11 -1.76
CA PRO A 291 3.95 17.97 -1.66
C PRO A 291 4.42 16.52 -1.45
N LEU A 292 3.83 15.82 -0.49
CA LEU A 292 4.25 14.46 -0.17
C LEU A 292 4.03 13.52 -1.35
N VAL A 293 2.84 13.55 -1.93
CA VAL A 293 2.54 12.75 -3.12
C VAL A 293 3.56 13.00 -4.22
N LEU A 294 3.89 14.28 -4.45
CA LEU A 294 4.82 14.67 -5.50
C LEU A 294 6.21 14.13 -5.26
N GLU A 295 6.63 14.16 -4.00
CA GLU A 295 7.92 13.61 -3.59
C GLU A 295 7.98 12.08 -3.82
N VAL A 296 6.98 11.38 -3.30
CA VAL A 296 7.00 9.91 -3.24
C VAL A 296 6.80 9.25 -4.60
N PHE A 297 5.82 9.72 -5.36
CA PHE A 297 5.59 9.23 -6.70
C PHE A 297 6.50 9.92 -7.71
N GLY A 298 7.26 10.90 -7.26
CA GLY A 298 8.18 11.61 -8.13
C GLY A 298 9.28 10.69 -8.62
N SER A 299 9.99 11.11 -9.66
CA SER A 299 11.04 10.26 -10.21
C SER A 299 12.41 10.73 -9.75
N GLU A 300 12.42 11.76 -8.90
CA GLU A 300 13.64 12.49 -8.57
C GLU A 300 14.44 11.86 -7.45
N VAL A 301 14.74 10.57 -7.59
CA VAL A 301 15.54 9.84 -6.60
C VAL A 301 17.00 9.80 -7.02
N ARG B 1 16.36 15.25 -3.22
CA ARG B 1 16.13 16.04 -2.01
C ARG B 1 15.40 15.21 -0.95
N HIS B 2 14.11 14.96 -1.18
CA HIS B 2 13.27 14.14 -0.30
C HIS B 2 13.16 14.67 1.14
N LYS B 3 12.96 15.98 1.26
CA LYS B 3 12.87 16.68 2.56
C LYS B 3 11.79 16.09 3.47
N ILE B 4 10.59 15.93 2.91
CA ILE B 4 9.44 15.46 3.68
C ILE B 4 9.66 14.00 4.08
N LEU B 5 10.12 13.19 3.14
CA LEU B 5 10.40 11.78 3.42
C LEU B 5 11.40 11.64 4.57
N HIS B 6 12.57 12.26 4.43
CA HIS B 6 13.56 12.27 5.50
C HIS B 6 12.95 12.64 6.84
N ARG B 7 12.22 13.76 6.86
CA ARG B 7 11.54 14.19 8.07
C ARG B 7 10.68 13.09 8.68
N LEU B 8 9.72 12.59 7.90
CA LEU B 8 8.78 11.59 8.36
C LEU B 8 9.43 10.28 8.85
N LEU B 9 10.61 9.95 8.32
CA LEU B 9 11.34 8.76 8.78
C LEU B 9 12.09 9.02 10.10
N GLN B 10 11.85 10.19 10.70
CA GLN B 10 12.47 10.65 11.95
C GLN B 10 13.98 10.70 11.79
O3 91W C . -5.29 3.75 2.59
C25 91W C . -6.57 3.30 2.26
C24 91W C . -7.54 3.64 3.37
C23 91W C . -8.91 3.13 2.99
O2 91W C . -8.89 1.72 2.88
C22 91W C . -9.36 3.76 1.69
C26 91W C . -6.99 3.92 0.95
C27 91W C . -6.19 4.63 0.21
C21 91W C . -8.38 3.72 0.56
C20 91W C . -8.72 3.65 -0.73
C19 91W C . -7.90 3.56 -1.88
C15 91W C . -8.31 3.58 -3.16
C2 91W C . -7.46 3.45 -4.39
C16 91W C . -9.72 3.92 -3.55
C17 91W C . -9.79 5.21 -4.32
C18 91W C . -8.82 5.23 -5.48
C1 91W C . -7.41 4.84 -5.08
C 91W C . -6.83 5.87 -4.10
C5 91W C . -6.40 4.50 -6.18
C4 91W C . -5.27 3.80 -5.44
C3 91W C . -5.99 3.01 -4.33
C6 91W C . -5.95 5.61 -7.15
C14 91W C . -5.37 5.02 -8.43
C7 91W C . -4.95 6.56 -6.49
C13 91W C . -3.53 6.06 -6.38
C12 91W C . -2.74 7.36 -6.49
C8 91W C . -3.77 8.40 -6.89
O 91W C . -4.84 7.64 -7.42
C9 91W C . -3.33 9.43 -7.92
C11 91W C . -4.50 10.27 -8.37
O1 91W C . -2.79 8.77 -9.06
C10 91W C . -2.24 10.31 -7.36
#